data_3GJ3
#
_entry.id   3GJ3
#
_cell.length_a   59.709
_cell.length_b   80.236
_cell.length_c   57.960
_cell.angle_alpha   90.00
_cell.angle_beta   90.00
_cell.angle_gamma   90.00
#
_symmetry.space_group_name_H-M   'P 21 21 2'
#
loop_
_entity.id
_entity.type
_entity.pdbx_description
1 polymer 'GTP-binding nuclear protein Ran'
2 polymer 'Nuclear pore complex protein Nup153'
3 non-polymer 'MAGNESIUM ION'
4 non-polymer "GUANOSINE-5'-DIPHOSPHATE"
5 non-polymer 'ZINC ION'
6 water water
#
loop_
_entity_poly.entity_id
_entity_poly.type
_entity_poly.pdbx_seq_one_letter_code
_entity_poly.pdbx_strand_id
1 'polypeptide(L)'
;GPHMASAAQGEPQVQFKLVLVGDGGTGKTTFVKRHLTGEFEKKYVATLGVEVHPLVFHTNRGPIKFNVWDTAGQEKFGGL
RDGYYIQAQCAIIMFDVTSRVTYKNVPNWHRDLVRVCENIPIVLCGNKVDIKDRKVKAKSIVFHRKKNLQYYDISAKSNY
NFEKPFLWLARKLIGDPNLEFVAMPALAPPEVVMDPALAAQYEHDLEVAQTTALPDEDDDL
;
A
2 'polypeptide(L)' GPLGSGTWDCDTCLVQNKPEAVKCVACETPKPG B
#
loop_
_chem_comp.id
_chem_comp.type
_chem_comp.name
_chem_comp.formula
GDP RNA linking GUANOSINE-5'-DIPHOSPHATE 'C10 H15 N5 O11 P2'
MG non-polymer 'MAGNESIUM ION' 'Mg 2'
ZN non-polymer 'ZINC ION' 'Zn 2'
#
# COMPACT_ATOMS: atom_id res chain seq x y z
N GLU A 11 -23.18 -12.18 6.66
CA GLU A 11 -21.88 -12.35 6.01
C GLU A 11 -20.78 -11.57 6.70
N PRO A 12 -19.74 -12.28 7.19
CA PRO A 12 -18.56 -11.64 7.77
C PRO A 12 -17.73 -10.94 6.69
N GLN A 13 -17.40 -9.67 6.90
CA GLN A 13 -16.70 -8.89 5.89
C GLN A 13 -15.20 -9.18 5.85
N VAL A 14 -14.67 -9.30 4.63
CA VAL A 14 -13.26 -9.59 4.45
C VAL A 14 -12.49 -8.28 4.38
N GLN A 15 -11.63 -8.04 5.37
CA GLN A 15 -10.84 -6.81 5.36
C GLN A 15 -9.47 -7.00 5.97
N PHE A 16 -8.55 -6.16 5.54
CA PHE A 16 -7.15 -6.27 5.93
C PHE A 16 -6.60 -4.89 6.21
N LYS A 17 -5.82 -4.80 7.28
CA LYS A 17 -5.08 -3.58 7.50
C LYS A 17 -3.86 -3.58 6.60
N LEU A 18 -3.75 -2.55 5.77
CA LEU A 18 -2.63 -2.41 4.87
C LEU A 18 -1.88 -1.15 5.29
N VAL A 19 -0.59 -1.29 5.60
CA VAL A 19 0.20 -0.10 5.88
C VAL A 19 0.95 0.34 4.63
N LEU A 20 0.91 1.64 4.38
CA LEU A 20 1.47 2.20 3.19
C LEU A 20 2.62 3.07 3.67
N VAL A 21 3.84 2.63 3.41
CA VAL A 21 5.01 3.31 3.95
C VAL A 21 6.01 3.62 2.86
N GLY A 22 7.03 4.41 3.21
CA GLY A 22 7.98 4.88 2.22
C GLY A 22 8.29 6.32 2.58
N ASP A 23 9.35 6.87 2.00
CA ASP A 23 9.81 8.21 2.32
C ASP A 23 8.72 9.24 2.07
N GLY A 24 8.79 10.35 2.81
CA GLY A 24 7.88 11.44 2.54
C GLY A 24 8.13 11.90 1.11
N GLY A 25 7.07 12.36 0.46
CA GLY A 25 7.18 12.88 -0.88
C GLY A 25 7.15 11.84 -1.98
N THR A 26 7.04 10.56 -1.61
CA THR A 26 7.04 9.48 -2.62
C THR A 26 5.69 9.31 -3.33
N GLY A 27 4.63 9.87 -2.75
CA GLY A 27 3.32 9.86 -3.39
C GLY A 27 2.32 8.93 -2.70
N LYS A 28 2.57 8.60 -1.44
CA LYS A 28 1.69 7.66 -0.74
C LYS A 28 0.27 8.21 -0.63
N THR A 29 0.14 9.46 -0.21
CA THR A 29 -1.18 10.05 -0.05
C THR A 29 -1.88 10.20 -1.39
N THR A 30 -1.13 10.67 -2.38
CA THR A 30 -1.71 10.82 -3.72
C THR A 30 -2.23 9.48 -4.18
N PHE A 31 -1.44 8.44 -3.94
CA PHE A 31 -1.81 7.11 -4.34
C PHE A 31 -3.09 6.62 -3.68
N VAL A 32 -3.13 6.63 -2.35
CA VAL A 32 -4.28 6.06 -1.65
C VAL A 32 -5.57 6.82 -2.02
N LYS A 33 -5.43 8.11 -2.24
CA LYS A 33 -6.57 8.99 -2.54
C LYS A 33 -7.21 8.74 -3.89
N ARG A 34 -6.56 7.97 -4.76
CA ARG A 34 -7.15 7.72 -6.09
C ARG A 34 -8.51 7.05 -5.91
N HIS A 35 -8.64 6.25 -4.85
CA HIS A 35 -9.84 5.45 -4.63
C HIS A 35 -10.88 6.38 -4.00
N LEU A 36 -11.90 6.74 -4.77
CA LEU A 36 -12.78 7.83 -4.37
C LEU A 36 -13.58 7.50 -3.13
N THR A 37 -14.10 6.29 -3.06
CA THR A 37 -14.91 5.91 -1.91
C THR A 37 -14.04 5.82 -0.65
N GLY A 38 -12.83 5.27 -0.83
CA GLY A 38 -11.86 5.19 0.24
C GLY A 38 -11.51 6.56 0.79
N GLU A 39 -11.52 7.56 -0.07
CA GLU A 39 -11.24 8.92 0.37
C GLU A 39 -12.44 9.49 1.12
N PHE A 40 -13.63 9.30 0.55
CA PHE A 40 -14.84 9.78 1.19
C PHE A 40 -15.07 9.15 2.55
N GLU A 41 -14.71 7.87 2.69
CA GLU A 41 -15.01 7.12 3.91
C GLU A 41 -13.80 6.99 4.84
N LYS A 42 -12.75 7.76 4.57
CA LYS A 42 -11.53 7.67 5.36
C LYS A 42 -11.82 8.03 6.83
N LYS A 43 -11.05 7.41 7.71
CA LYS A 43 -11.23 7.60 9.13
C LYS A 43 -9.97 8.18 9.74
N TYR A 44 -10.12 9.28 10.46
CA TYR A 44 -8.95 9.91 11.06
C TYR A 44 -8.66 9.30 12.42
N VAL A 45 -7.40 8.91 12.62
CA VAL A 45 -6.97 8.29 13.87
C VAL A 45 -6.09 9.30 14.59
N ALA A 46 -6.69 10.02 15.54
CA ALA A 46 -6.04 11.18 16.12
C ALA A 46 -4.76 10.83 16.85
N THR A 47 -4.80 9.76 17.65
CA THR A 47 -3.67 9.42 18.50
C THR A 47 -2.43 9.13 17.68
N LEU A 48 -2.63 8.53 16.50
CA LEU A 48 -1.51 8.15 15.65
C LEU A 48 -1.27 9.10 14.47
N GLY A 49 -2.19 10.02 14.23
CA GLY A 49 -2.06 10.91 13.09
C GLY A 49 -2.04 10.10 11.80
N VAL A 50 -3.10 9.34 11.60
CA VAL A 50 -3.24 8.48 10.43
C VAL A 50 -4.63 8.68 9.85
N GLU A 51 -4.72 8.60 8.53
CA GLU A 51 -6.03 8.48 7.89
C GLU A 51 -6.14 7.06 7.34
N VAL A 52 -7.13 6.31 7.82
CA VAL A 52 -7.36 4.97 7.34
C VAL A 52 -8.41 5.03 6.23
N HIS A 53 -7.99 4.65 5.03
CA HIS A 53 -8.86 4.67 3.86
C HIS A 53 -9.37 3.25 3.62
N PRO A 54 -10.69 3.04 3.75
CA PRO A 54 -11.24 1.71 3.50
C PRO A 54 -11.43 1.54 2.00
N LEU A 55 -10.56 0.76 1.35
CA LEU A 55 -10.64 0.61 -0.10
C LEU A 55 -11.22 -0.74 -0.46
N VAL A 56 -12.45 -0.73 -0.95
CA VAL A 56 -13.10 -1.97 -1.36
C VAL A 56 -12.76 -2.25 -2.83
N PHE A 57 -12.44 -3.49 -3.11
CA PHE A 57 -12.27 -3.99 -4.46
C PHE A 57 -13.22 -5.15 -4.62
N HIS A 58 -13.85 -5.24 -5.78
CA HIS A 58 -14.80 -6.30 -6.02
C HIS A 58 -14.12 -7.46 -6.74
N THR A 59 -14.02 -8.59 -6.06
CA THR A 59 -13.33 -9.75 -6.62
C THR A 59 -14.35 -10.77 -7.10
N ASN A 60 -13.86 -11.77 -7.84
CA ASN A 60 -14.73 -12.84 -8.31
C ASN A 60 -15.28 -13.64 -7.13
N ARG A 61 -14.69 -13.42 -5.95
CA ARG A 61 -15.17 -14.06 -4.73
C ARG A 61 -15.80 -13.08 -3.75
N GLY A 62 -16.25 -11.94 -4.26
CA GLY A 62 -16.89 -10.95 -3.43
C GLY A 62 -15.98 -9.80 -3.12
N PRO A 63 -16.47 -8.84 -2.33
CA PRO A 63 -15.67 -7.65 -2.03
C PRO A 63 -14.55 -7.98 -1.06
N ILE A 64 -13.45 -7.29 -1.20
CA ILE A 64 -12.43 -7.32 -0.16
C ILE A 64 -12.06 -5.89 0.13
N LYS A 65 -11.75 -5.61 1.37
CA LYS A 65 -11.52 -4.23 1.79
C LYS A 65 -10.11 -4.12 2.33
N PHE A 66 -9.31 -3.25 1.74
CA PHE A 66 -8.01 -2.93 2.30
C PHE A 66 -8.16 -1.63 3.08
N ASN A 67 -7.97 -1.71 4.39
CA ASN A 67 -7.95 -0.51 5.22
C ASN A 67 -6.55 0.07 5.18
N VAL A 68 -6.34 1.03 4.30
CA VAL A 68 -5.00 1.54 4.03
C VAL A 68 -4.66 2.67 4.99
N TRP A 69 -3.56 2.49 5.71
CA TRP A 69 -3.11 3.45 6.71
C TRP A 69 -2.16 4.42 6.07
N ASP A 70 -2.61 5.64 5.88
CA ASP A 70 -1.80 6.67 5.28
C ASP A 70 -1.34 7.61 6.39
N THR A 71 -0.04 7.89 6.41
CA THR A 71 0.49 8.79 7.44
C THR A 71 -0.02 10.20 7.21
N ALA A 72 0.27 11.06 8.18
CA ALA A 72 0.07 12.49 8.04
C ALA A 72 1.43 13.19 7.91
N GLY A 73 2.37 12.53 7.24
CA GLY A 73 3.66 13.14 6.92
C GLY A 73 4.75 12.92 7.95
N GLN A 74 4.42 12.24 9.05
CA GLN A 74 5.40 12.09 10.14
C GLN A 74 6.66 11.32 9.72
N GLU A 75 6.57 10.56 8.64
CA GLU A 75 7.69 9.74 8.20
C GLU A 75 8.87 10.61 7.78
N LYS A 76 8.63 11.88 7.55
CA LYS A 76 9.72 12.77 7.20
C LYS A 76 10.67 12.99 8.38
N PHE A 77 10.22 12.69 9.60
CA PHE A 77 10.96 13.08 10.78
C PHE A 77 11.49 11.91 11.61
N GLY A 78 11.22 10.70 11.14
CA GLY A 78 11.72 9.53 11.80
C GLY A 78 10.84 8.34 11.48
N GLY A 79 11.18 7.19 12.07
CA GLY A 79 10.35 6.02 11.90
C GLY A 79 8.96 6.25 12.44
N LEU A 80 8.03 5.40 12.03
CA LEU A 80 6.67 5.48 12.55
C LEU A 80 6.56 4.68 13.84
N ARG A 81 5.61 5.10 14.68
CA ARG A 81 5.40 4.45 15.96
C ARG A 81 4.82 3.05 15.79
N ASP A 82 5.05 2.20 16.79
CA ASP A 82 4.60 0.81 16.73
C ASP A 82 3.10 0.72 16.43
N GLY A 83 2.32 1.64 16.99
CA GLY A 83 0.88 1.60 16.83
C GLY A 83 0.49 1.69 15.36
N TYR A 84 1.27 2.43 14.59
CA TYR A 84 1.02 2.54 13.16
C TYR A 84 1.08 1.16 12.49
N TYR A 85 2.10 0.39 12.86
CA TYR A 85 2.36 -0.90 12.23
C TYR A 85 1.53 -2.04 12.77
N ILE A 86 1.15 -1.95 14.04
CA ILE A 86 0.58 -3.11 14.72
C ILE A 86 -0.68 -3.65 14.05
N GLN A 87 -0.76 -4.98 13.97
CA GLN A 87 -1.88 -5.68 13.36
C GLN A 87 -1.96 -5.47 11.84
N ALA A 88 -0.95 -4.86 11.25
CA ALA A 88 -0.92 -4.79 9.79
C ALA A 88 -0.89 -6.22 9.21
N GLN A 89 -1.67 -6.43 8.18
CA GLN A 89 -1.76 -7.73 7.55
C GLN A 89 -1.07 -7.76 6.20
N CYS A 90 -0.74 -6.58 5.69
CA CYS A 90 -0.03 -6.47 4.42
C CYS A 90 0.48 -5.07 4.30
N ALA A 91 1.29 -4.81 3.28
CA ALA A 91 1.92 -3.53 3.18
C ALA A 91 2.31 -3.19 1.76
N ILE A 92 2.40 -1.90 1.50
CA ILE A 92 2.99 -1.40 0.28
C ILE A 92 4.13 -0.50 0.72
N ILE A 93 5.30 -0.72 0.14
CA ILE A 93 6.40 0.18 0.37
C ILE A 93 6.57 0.96 -0.91
N MET A 94 6.51 2.28 -0.78
CA MET A 94 6.59 3.11 -1.97
C MET A 94 7.91 3.87 -2.03
N PHE A 95 8.44 4.01 -3.24
CA PHE A 95 9.51 4.97 -3.44
C PHE A 95 9.18 5.78 -4.69
N ASP A 96 10.03 6.75 -4.97
CA ASP A 96 9.81 7.70 -6.04
C ASP A 96 10.89 7.43 -7.07
N VAL A 97 10.51 7.02 -8.27
CA VAL A 97 11.50 6.67 -9.30
C VAL A 97 12.29 7.88 -9.79
N THR A 98 11.90 9.08 -9.36
CA THR A 98 12.66 10.28 -9.72
C THR A 98 13.60 10.69 -8.58
N SER A 99 13.63 9.90 -7.51
CA SER A 99 14.46 10.23 -6.36
C SER A 99 15.12 8.98 -5.82
N ARG A 100 16.38 8.79 -6.20
CA ARG A 100 17.11 7.57 -5.86
C ARG A 100 17.20 7.33 -4.36
N VAL A 101 17.30 8.41 -3.59
CA VAL A 101 17.42 8.25 -2.15
C VAL A 101 16.20 7.54 -1.57
N THR A 102 15.03 7.76 -2.16
CA THR A 102 13.82 7.11 -1.66
C THR A 102 13.89 5.61 -1.91
N TYR A 103 14.57 5.24 -2.98
CA TYR A 103 14.81 3.82 -3.24
C TYR A 103 15.84 3.25 -2.26
N LYS A 104 16.88 4.02 -1.97
CA LYS A 104 17.90 3.57 -1.04
C LYS A 104 17.33 3.33 0.35
N ASN A 105 16.26 4.05 0.69
CA ASN A 105 15.67 3.92 2.01
C ASN A 105 14.68 2.76 2.09
N VAL A 106 14.44 2.11 0.96
CA VAL A 106 13.46 1.03 0.93
C VAL A 106 13.80 -0.09 1.92
N PRO A 107 15.08 -0.51 1.96
CA PRO A 107 15.47 -1.53 2.94
C PRO A 107 15.15 -1.14 4.39
N ASN A 108 15.32 0.14 4.74
CA ASN A 108 14.99 0.59 6.08
C ASN A 108 13.49 0.44 6.36
N TRP A 109 12.66 0.84 5.41
CA TRP A 109 11.22 0.69 5.59
C TRP A 109 10.85 -0.77 5.76
N HIS A 110 11.43 -1.63 4.94
CA HIS A 110 11.16 -3.06 5.05
C HIS A 110 11.54 -3.57 6.43
N ARG A 111 12.71 -3.15 6.91
CA ARG A 111 13.19 -3.55 8.22
C ARG A 111 12.25 -3.13 9.34
N ASP A 112 11.81 -1.87 9.31
CA ASP A 112 10.91 -1.36 10.36
C ASP A 112 9.61 -2.13 10.33
N LEU A 113 9.14 -2.41 9.12
CA LEU A 113 7.89 -3.11 8.88
C LEU A 113 7.93 -4.51 9.47
N VAL A 114 8.93 -5.28 9.04
CA VAL A 114 9.09 -6.67 9.47
C VAL A 114 9.36 -6.80 10.96
N ARG A 115 10.03 -5.80 11.53
CA ARG A 115 10.28 -5.80 12.97
C ARG A 115 8.98 -5.93 13.75
N VAL A 116 7.94 -5.22 13.31
CA VAL A 116 6.67 -5.22 14.01
C VAL A 116 5.71 -6.29 13.49
N CYS A 117 5.75 -6.52 12.18
CA CYS A 117 4.71 -7.31 11.51
C CYS A 117 5.16 -8.66 11.00
N GLU A 118 6.46 -8.94 11.13
CA GLU A 118 7.02 -10.19 10.61
C GLU A 118 6.77 -10.30 9.10
N ASN A 119 6.55 -11.53 8.63
CA ASN A 119 6.54 -11.83 7.21
C ASN A 119 5.22 -11.59 6.46
N ILE A 120 4.55 -10.48 6.71
CA ILE A 120 3.33 -10.19 5.98
C ILE A 120 3.65 -9.93 4.50
N PRO A 121 2.67 -10.16 3.62
CA PRO A 121 2.85 -9.90 2.19
C PRO A 121 3.09 -8.41 1.97
N ILE A 122 4.10 -8.09 1.17
CA ILE A 122 4.48 -6.70 0.93
C ILE A 122 4.68 -6.51 -0.57
N VAL A 123 4.14 -5.41 -1.12
CA VAL A 123 4.43 -5.06 -2.51
C VAL A 123 5.30 -3.82 -2.51
N LEU A 124 6.30 -3.81 -3.38
CA LEU A 124 7.16 -2.65 -3.52
C LEU A 124 6.66 -1.86 -4.74
N CYS A 125 6.44 -0.56 -4.57
CA CYS A 125 5.93 0.26 -5.67
C CYS A 125 6.85 1.43 -5.97
N GLY A 126 7.24 1.56 -7.23
CA GLY A 126 8.04 2.68 -7.69
C GLY A 126 7.09 3.65 -8.34
N ASN A 127 6.83 4.75 -7.68
CA ASN A 127 5.83 5.72 -8.11
C ASN A 127 6.41 6.84 -8.98
N LYS A 128 5.51 7.55 -9.66
CA LYS A 128 5.82 8.72 -10.48
C LYS A 128 6.47 8.36 -11.82
N VAL A 129 6.10 7.22 -12.36
CA VAL A 129 6.68 6.80 -13.64
C VAL A 129 6.16 7.60 -14.81
N ASP A 130 5.16 8.44 -14.58
CA ASP A 130 4.70 9.35 -15.62
C ASP A 130 5.74 10.43 -15.93
N ILE A 131 6.65 10.68 -15.00
CA ILE A 131 7.64 11.72 -15.17
C ILE A 131 8.72 11.24 -16.14
N LYS A 132 8.85 11.94 -17.26
CA LYS A 132 9.76 11.51 -18.33
C LYS A 132 11.17 11.19 -17.85
N ASP A 133 11.77 12.10 -17.09
CA ASP A 133 13.14 11.92 -16.63
C ASP A 133 13.22 10.99 -15.42
N ARG A 134 13.16 9.69 -15.70
CA ARG A 134 13.16 8.67 -14.65
C ARG A 134 14.56 8.38 -14.16
N LYS A 135 14.75 8.39 -12.84
CA LYS A 135 16.08 8.19 -12.25
C LYS A 135 16.32 6.75 -11.85
N VAL A 136 15.32 6.13 -11.23
CA VAL A 136 15.44 4.74 -10.79
C VAL A 136 14.76 3.83 -11.80
N LYS A 137 15.55 3.25 -12.71
CA LYS A 137 15.01 2.43 -13.78
C LYS A 137 14.97 0.95 -13.41
N ALA A 138 14.27 0.18 -14.22
CA ALA A 138 14.05 -1.24 -13.96
C ALA A 138 15.31 -2.01 -13.55
N LYS A 139 16.42 -1.78 -14.26
CA LYS A 139 17.65 -2.51 -13.97
C LYS A 139 18.08 -2.35 -12.52
N SER A 140 17.87 -1.16 -11.95
CA SER A 140 18.33 -0.85 -10.61
C SER A 140 17.39 -1.35 -9.52
N ILE A 141 16.18 -1.71 -9.91
CA ILE A 141 15.16 -2.11 -8.94
C ILE A 141 15.25 -3.60 -8.64
N VAL A 142 15.89 -3.95 -7.52
CA VAL A 142 16.19 -5.35 -7.21
C VAL A 142 15.90 -5.75 -5.77
N PHE A 143 15.51 -4.78 -4.93
CA PHE A 143 15.25 -5.10 -3.53
C PHE A 143 14.19 -6.19 -3.36
N HIS A 144 13.17 -6.16 -4.22
CA HIS A 144 12.09 -7.14 -4.16
C HIS A 144 12.60 -8.55 -4.49
N ARG A 145 13.52 -8.63 -5.45
CA ARG A 145 14.10 -9.91 -5.81
C ARG A 145 14.78 -10.51 -4.59
N LYS A 146 15.56 -9.70 -3.90
CA LYS A 146 16.33 -10.12 -2.74
C LYS A 146 15.45 -10.53 -1.56
N LYS A 147 14.14 -10.27 -1.65
CA LYS A 147 13.28 -10.38 -0.48
C LYS A 147 11.96 -11.14 -0.64
N ASN A 148 11.72 -11.75 -1.80
CA ASN A 148 10.44 -12.42 -2.03
C ASN A 148 9.26 -11.47 -2.18
N LEU A 149 9.54 -10.22 -2.55
CA LEU A 149 8.49 -9.22 -2.69
C LEU A 149 8.10 -9.05 -4.15
N GLN A 150 6.87 -8.60 -4.38
CA GLN A 150 6.45 -8.26 -5.74
C GLN A 150 6.72 -6.77 -5.98
N TYR A 151 7.14 -6.43 -7.20
CA TYR A 151 7.36 -5.02 -7.54
C TYR A 151 6.41 -4.59 -8.64
N TYR A 152 5.94 -3.34 -8.58
CA TYR A 152 5.24 -2.70 -9.72
C TYR A 152 5.67 -1.26 -9.88
N ASP A 153 5.84 -0.82 -11.13
CA ASP A 153 5.83 0.59 -11.43
C ASP A 153 4.41 1.09 -11.20
N ILE A 154 4.27 2.29 -10.68
CA ILE A 154 2.97 2.91 -10.62
C ILE A 154 3.09 4.40 -10.88
N SER A 155 1.98 4.99 -11.28
CA SER A 155 1.88 6.42 -11.31
C SER A 155 0.57 6.78 -10.65
N ALA A 156 0.65 7.25 -9.42
CA ALA A 156 -0.52 7.63 -8.66
C ALA A 156 -1.34 8.65 -9.44
N LYS A 157 -0.67 9.64 -10.02
CA LYS A 157 -1.37 10.73 -10.69
C LYS A 157 -2.15 10.32 -11.93
N SER A 158 -1.80 9.18 -12.53
CA SER A 158 -2.46 8.73 -13.74
C SER A 158 -3.27 7.45 -13.54
N ASN A 159 -3.27 6.93 -12.31
CA ASN A 159 -3.89 5.66 -11.98
C ASN A 159 -3.19 4.47 -12.60
N TYR A 160 -2.00 4.71 -13.16
CA TYR A 160 -1.28 3.63 -13.83
C TYR A 160 -0.92 2.52 -12.84
N ASN A 161 -1.38 1.30 -13.15
CA ASN A 161 -1.15 0.11 -12.34
C ASN A 161 -1.73 0.21 -10.93
N PHE A 162 -2.72 1.08 -10.77
CA PHE A 162 -3.27 1.29 -9.43
C PHE A 162 -3.69 -0.01 -8.75
N GLU A 163 -4.37 -0.87 -9.48
CA GLU A 163 -4.95 -2.07 -8.88
C GLU A 163 -3.92 -3.16 -8.61
N LYS A 164 -2.77 -3.08 -9.26
CA LYS A 164 -1.80 -4.19 -9.25
C LYS A 164 -1.37 -4.62 -7.83
N PRO A 165 -0.92 -3.67 -7.00
CA PRO A 165 -0.46 -4.09 -5.68
C PRO A 165 -1.58 -4.76 -4.90
N PHE A 166 -2.78 -4.19 -5.00
CA PHE A 166 -3.90 -4.72 -4.25
C PHE A 166 -4.30 -6.10 -4.74
N LEU A 167 -4.23 -6.31 -6.04
CA LEU A 167 -4.59 -7.63 -6.57
C LEU A 167 -3.59 -8.67 -6.09
N TRP A 168 -2.31 -8.31 -6.12
CA TRP A 168 -1.28 -9.27 -5.74
C TRP A 168 -1.44 -9.61 -4.26
N LEU A 169 -1.66 -8.58 -3.45
CA LEU A 169 -1.87 -8.80 -2.02
C LEU A 169 -3.11 -9.65 -1.75
N ALA A 170 -4.20 -9.33 -2.43
CA ALA A 170 -5.44 -10.10 -2.25
C ALA A 170 -5.24 -11.58 -2.54
N ARG A 171 -4.58 -11.87 -3.66
CA ARG A 171 -4.26 -13.25 -3.97
C ARG A 171 -3.46 -13.92 -2.85
N LYS A 172 -2.45 -13.23 -2.33
CA LYS A 172 -1.61 -13.78 -1.26
C LYS A 172 -2.40 -13.96 0.03
N LEU A 173 -3.22 -12.98 0.37
CA LEU A 173 -3.91 -13.00 1.67
C LEU A 173 -5.00 -14.04 1.69
N ILE A 174 -5.74 -14.13 0.59
CA ILE A 174 -6.85 -15.05 0.47
C ILE A 174 -6.36 -16.45 0.17
N GLY A 175 -5.17 -16.56 -0.42
CA GLY A 175 -4.64 -17.86 -0.77
C GLY A 175 -5.29 -18.39 -2.03
N ASP A 176 -5.56 -17.50 -2.98
CA ASP A 176 -6.22 -17.88 -4.22
C ASP A 176 -5.51 -17.22 -5.38
N PRO A 177 -4.68 -17.98 -6.09
CA PRO A 177 -3.86 -17.41 -7.17
C PRO A 177 -4.73 -16.98 -8.34
N ASN A 178 -5.98 -17.44 -8.37
CA ASN A 178 -6.90 -17.13 -9.47
C ASN A 178 -7.92 -16.05 -9.16
N LEU A 179 -7.80 -15.43 -7.99
CA LEU A 179 -8.67 -14.32 -7.64
C LEU A 179 -8.47 -13.22 -8.67
N GLU A 180 -9.58 -12.62 -9.09
CA GLU A 180 -9.56 -11.53 -10.04
C GLU A 180 -10.40 -10.39 -9.49
N PHE A 181 -10.08 -9.16 -9.89
CA PHE A 181 -10.97 -8.03 -9.66
C PHE A 181 -11.94 -8.00 -10.84
N VAL A 182 -13.23 -8.00 -10.56
CA VAL A 182 -14.22 -8.09 -11.66
C VAL A 182 -14.47 -6.73 -12.31
N ALA A 183 -14.13 -5.67 -11.58
CA ALA A 183 -14.28 -4.31 -12.06
C ALA A 183 -13.38 -3.42 -11.25
N MET A 184 -12.93 -2.34 -11.85
CA MET A 184 -12.07 -1.39 -11.15
C MET A 184 -12.94 -0.51 -10.24
N PRO A 185 -12.42 -0.15 -9.07
CA PRO A 185 -13.12 0.82 -8.22
C PRO A 185 -13.14 2.15 -8.94
N ALA A 186 -14.06 3.02 -8.54
CA ALA A 186 -14.12 4.35 -9.10
C ALA A 186 -12.91 5.12 -8.64
N LEU A 187 -12.10 5.58 -9.59
CA LEU A 187 -10.88 6.31 -9.26
C LEU A 187 -10.95 7.75 -9.74
N ALA A 188 -10.26 8.63 -9.01
CA ALA A 188 -10.11 10.01 -9.44
C ALA A 188 -9.57 9.99 -10.87
N PRO A 189 -10.16 10.81 -11.75
CA PRO A 189 -9.69 10.86 -13.14
C PRO A 189 -8.20 11.20 -13.19
N PRO A 190 -7.45 10.56 -14.08
CA PRO A 190 -6.01 10.85 -14.17
C PRO A 190 -5.75 12.35 -14.25
N GLU A 191 -4.73 12.82 -13.53
CA GLU A 191 -4.35 14.23 -13.59
C GLU A 191 -3.25 14.44 -14.61
N VAL A 192 -2.51 13.38 -14.90
CA VAL A 192 -1.55 13.37 -15.99
C VAL A 192 -1.84 12.15 -16.85
N VAL A 193 -1.47 12.23 -18.12
CA VAL A 193 -1.63 11.07 -18.97
C VAL A 193 -0.40 10.18 -18.84
N MET A 194 -0.60 8.89 -18.65
CA MET A 194 0.51 7.94 -18.70
C MET A 194 0.62 7.46 -20.14
N ASP A 195 1.64 7.96 -20.83
CA ASP A 195 1.87 7.58 -22.21
C ASP A 195 1.90 6.06 -22.34
N PRO A 196 0.96 5.49 -23.11
CA PRO A 196 0.87 4.04 -23.26
C PRO A 196 2.15 3.45 -23.84
N ALA A 197 2.78 4.14 -24.78
CA ALA A 197 4.04 3.67 -25.32
C ALA A 197 5.08 3.56 -24.21
N LEU A 198 5.11 4.58 -23.35
CA LEU A 198 6.05 4.61 -22.23
C LEU A 198 5.76 3.49 -21.23
N ALA A 199 4.48 3.23 -20.98
CA ALA A 199 4.09 2.14 -20.10
C ALA A 199 4.55 0.81 -20.68
N ALA A 200 4.33 0.63 -21.98
CA ALA A 200 4.74 -0.58 -22.66
C ALA A 200 6.24 -0.78 -22.56
N GLN A 201 6.99 0.31 -22.76
CA GLN A 201 8.44 0.23 -22.66
C GLN A 201 8.86 -0.15 -21.24
N TYR A 202 8.30 0.53 -20.25
CA TYR A 202 8.66 0.27 -18.85
C TYR A 202 8.37 -1.18 -18.47
N GLU A 203 7.21 -1.67 -18.87
CA GLU A 203 6.83 -3.04 -18.56
C GLU A 203 7.81 -4.01 -19.20
N HIS A 204 8.20 -3.70 -20.44
CA HIS A 204 9.19 -4.48 -21.15
C HIS A 204 10.54 -4.46 -20.43
N ASP A 205 10.98 -3.25 -20.06
CA ASP A 205 12.24 -3.10 -19.33
C ASP A 205 12.24 -3.93 -18.05
N LEU A 206 11.10 -3.98 -17.36
CA LEU A 206 11.00 -4.77 -16.13
C LEU A 206 11.11 -6.27 -16.40
N GLU A 207 10.48 -6.74 -17.47
CA GLU A 207 10.57 -8.14 -17.85
C GLU A 207 12.03 -8.50 -18.11
N VAL A 208 12.68 -7.70 -18.94
CA VAL A 208 14.08 -7.92 -19.27
C VAL A 208 14.92 -7.98 -18.01
N ALA A 209 14.69 -7.05 -17.09
CA ALA A 209 15.44 -6.99 -15.84
C ALA A 209 15.26 -8.26 -15.01
N GLN A 210 14.07 -8.83 -15.03
CA GLN A 210 13.79 -10.03 -14.24
C GLN A 210 14.49 -11.27 -14.79
N THR A 211 15.13 -11.13 -15.95
CA THR A 211 15.88 -12.23 -16.55
C THR A 211 17.37 -12.09 -16.29
N THR A 212 17.72 -11.47 -15.18
CA THR A 212 19.11 -11.24 -14.83
C THR A 212 19.41 -11.65 -13.39
N GLY B 6 -15.64 -12.39 22.33
CA GLY B 6 -14.63 -12.63 21.32
C GLY B 6 -13.93 -11.37 20.86
N THR B 7 -13.25 -11.43 19.72
CA THR B 7 -12.55 -10.28 19.19
C THR B 7 -13.53 -9.16 18.86
N TRP B 8 -13.01 -7.92 18.83
CA TRP B 8 -13.84 -6.78 18.48
C TRP B 8 -13.05 -5.85 17.57
N ASP B 9 -13.76 -5.11 16.72
CA ASP B 9 -13.14 -4.17 15.81
C ASP B 9 -13.17 -2.75 16.36
N CYS B 10 -12.01 -2.11 16.38
CA CYS B 10 -11.94 -0.71 16.76
C CYS B 10 -12.69 0.17 15.76
N ASP B 11 -13.55 1.04 16.29
CA ASP B 11 -14.36 1.94 15.48
C ASP B 11 -13.56 3.13 14.98
N THR B 12 -12.40 3.38 15.58
CA THR B 12 -11.59 4.53 15.19
C THR B 12 -10.65 4.18 14.05
N CYS B 13 -9.98 3.03 14.14
CA CYS B 13 -8.93 2.71 13.18
C CYS B 13 -9.15 1.38 12.44
N LEU B 14 -10.18 0.64 12.83
CA LEU B 14 -10.61 -0.59 12.17
C LEU B 14 -9.76 -1.83 12.50
N VAL B 15 -8.81 -1.68 13.40
CA VAL B 15 -8.01 -2.83 13.85
C VAL B 15 -8.84 -3.81 14.67
N GLN B 16 -8.60 -5.11 14.44
CA GLN B 16 -9.24 -6.16 15.22
C GLN B 16 -8.47 -6.41 16.50
N ASN B 17 -9.17 -6.44 17.63
CA ASN B 17 -8.55 -6.55 18.94
C ASN B 17 -8.94 -7.81 19.69
N LYS B 18 -8.04 -8.26 20.56
CA LYS B 18 -8.27 -9.43 21.40
C LYS B 18 -9.48 -9.23 22.29
N PRO B 19 -10.24 -10.31 22.54
CA PRO B 19 -11.43 -10.25 23.40
C PRO B 19 -11.16 -9.59 24.76
N GLU B 20 -9.94 -9.73 25.26
CA GLU B 20 -9.60 -9.22 26.59
C GLU B 20 -9.08 -7.77 26.56
N ALA B 21 -8.75 -7.28 25.37
CA ALA B 21 -8.33 -5.90 25.23
C ALA B 21 -9.45 -4.95 25.65
N VAL B 22 -9.11 -3.91 26.41
CA VAL B 22 -10.09 -2.95 26.87
C VAL B 22 -9.90 -1.64 26.13
N LYS B 23 -8.87 -1.60 25.28
CA LYS B 23 -8.62 -0.47 24.42
C LYS B 23 -7.87 -0.97 23.18
N CYS B 24 -8.02 -0.27 22.07
CA CYS B 24 -7.44 -0.71 20.82
C CYS B 24 -5.92 -0.81 20.91
N VAL B 25 -5.39 -1.97 20.53
CA VAL B 25 -3.95 -2.21 20.59
C VAL B 25 -3.16 -1.24 19.71
N ALA B 26 -3.80 -0.75 18.65
CA ALA B 26 -3.14 0.19 17.74
C ALA B 26 -3.27 1.64 18.17
N CYS B 27 -4.50 2.11 18.35
CA CYS B 27 -4.72 3.55 18.52
C CYS B 27 -5.12 3.96 19.94
N GLU B 28 -5.28 2.98 20.82
CA GLU B 28 -5.56 3.23 22.25
C GLU B 28 -6.99 3.64 22.55
N THR B 29 -7.84 3.71 21.54
CA THR B 29 -9.26 4.07 21.75
C THR B 29 -9.94 3.00 22.58
N PRO B 30 -10.59 3.42 23.69
CA PRO B 30 -11.25 2.43 24.55
C PRO B 30 -12.30 1.63 23.80
N LYS B 31 -12.42 0.36 24.17
CA LYS B 31 -13.48 -0.49 23.65
C LYS B 31 -14.81 0.08 24.11
N PRO B 32 -15.75 0.29 23.17
CA PRO B 32 -17.09 0.79 23.52
C PRO B 32 -17.80 -0.17 24.47
MG MG C . 1.39 11.61 2.69
PB GDP D . 3.66 11.35 0.40
O1B GDP D . 2.30 11.09 0.90
O2B GDP D . 4.41 12.33 1.28
O3B GDP D . 4.39 10.05 0.22
O3A GDP D . 3.58 11.99 -1.08
PA GDP D . 2.39 12.90 -1.61
O1A GDP D . 1.18 12.10 -1.99
O2A GDP D . 2.06 14.04 -0.67
O5' GDP D . 3.07 13.44 -2.98
C5' GDP D . 4.22 14.29 -2.87
C4' GDP D . 4.41 15.03 -4.17
O4' GDP D . 4.53 14.10 -5.25
C3' GDP D . 3.18 15.86 -4.46
O3' GDP D . 3.61 17.07 -5.10
C2' GDP D . 2.40 15.03 -5.44
O2' GDP D . 1.55 15.81 -6.28
C1' GDP D . 3.52 14.36 -6.21
N9 GDP D . 3.09 13.06 -6.75
C8 GDP D . 2.56 12.04 -6.05
N7 GDP D . 2.29 11.00 -6.87
C5 GDP D . 2.68 11.36 -8.12
C6 GDP D . 2.69 10.75 -9.45
O6 GDP D . 2.26 9.58 -9.61
N1 GDP D . 3.18 11.46 -10.48
C2 GDP D . 3.65 12.72 -10.34
N2 GDP D . 4.12 13.36 -11.43
N3 GDP D . 3.67 13.35 -9.14
C4 GDP D . 3.21 12.72 -8.03
ZN ZN E . -7.94 1.50 16.95
#